data_9JLN
#
_entry.id   9JLN
#
_cell.length_a   1.00
_cell.length_b   1.00
_cell.length_c   1.00
_cell.angle_alpha   90.00
_cell.angle_beta   90.00
_cell.angle_gamma   90.00
#
_symmetry.space_group_name_H-M   'P 1'
#
loop_
_entity.id
_entity.type
_entity.pdbx_description
1 polymer 'Sodium- and chloride-dependent taurine transporter'
2 non-polymer 2-acetamido-2-deoxy-beta-D-glucopyranose
3 non-polymer 'SODIUM ION'
4 non-polymer 'CHLORIDE ION'
5 non-polymer 'CHOLESTEROL HEMISUCCINATE'
6 non-polymer '2-AMINOETHANESULFONIC ACID'
#
_entity_poly.entity_id   1
_entity_poly.type   'polypeptide(L)'
_entity_poly.pdbx_seq_one_letter_code
;MATKEKLQCLKDFHKDILKPSPGKSPGTRPEDEAEGKPPQREKWSSKIDFVLSVAGGFVGLGNVWRFPYLCYKNGGGAFL
IPYFIFLFGSGLPVFFLEIIIGQYTSEGGITCWEKICPLFSGIGYASVVIVSLLNVYYIVILAWATYYLFQSFQKELPWA
HCNHSWNTPHCMEDTMRKNKSVWITISSTNFTSPVIEFWERNVLSLSPGIDHPGSLKWDLALCLLLVWLVCFFCIWKGVR
STGKVVYFTATFPFAMLLVLLVRGLTLPGAGAGIKFYLYPDITRLEDPQVWIDAGTQIFFSYAICLGAMTSLGSYNKYKY
NSYRDCMLLGCLNSGTSFVSGFAIFSILGFMAQEQGVDIADVAESGPGLAFIAYPKAVTMMPLPTFWSILFFIMLLLLGL
DSQFVEVEGQITSLVDLYPSFLRKGYRREIFIAFVCSISYLLGLTMVTEGGMYVFQLFDYYAASGVCLLWVAFFECFVIA
WIYGGDNLYDGIEDMIGYRPGPWMKYSWAVITPVLCVGCFIFSLVKYVPLTYNKTYVYPNWAIGLGWSLALSSMLCVPLV
IVIRLCQTEGPFLVRVKYLLTPSRLEEELRRRTEPGLRSRLEVLFQ
;
_entity_poly.pdbx_strand_id   A
#
loop_
_chem_comp.id
_chem_comp.type
_chem_comp.name
_chem_comp.formula
CL non-polymer 'CHLORIDE ION' 'Cl -1'
NA non-polymer 'SODIUM ION' 'Na 1'
NAG D-saccharide, beta linking 2-acetamido-2-deoxy-beta-D-glucopyranose 'C8 H15 N O6'
TAU non-polymer '2-AMINOETHANESULFONIC ACID' 'C2 H7 N O3 S'
Y01 non-polymer 'CHOLESTEROL HEMISUCCINATE' 'C31 H50 O4'
#
# COMPACT_ATOMS: atom_id res chain seq x y z
N LYS A 47 -19.58 6.70 17.36
CA LYS A 47 -18.83 7.91 17.05
C LYS A 47 -17.35 7.73 17.37
N ILE A 48 -17.04 7.51 18.65
CA ILE A 48 -15.65 7.34 19.06
C ILE A 48 -15.06 6.08 18.43
N ASP A 49 -15.80 4.97 18.50
CA ASP A 49 -15.32 3.74 17.90
C ASP A 49 -15.17 3.89 16.39
N PHE A 50 -16.11 4.61 15.76
CA PHE A 50 -16.01 4.88 14.34
C PHE A 50 -14.71 5.61 14.01
N VAL A 51 -14.41 6.67 14.76
CA VAL A 51 -13.23 7.49 14.49
C VAL A 51 -11.96 6.66 14.67
N LEU A 52 -11.87 5.94 15.78
CA LEU A 52 -10.67 5.14 16.03
C LEU A 52 -10.50 4.04 14.99
N SER A 53 -11.57 3.33 14.65
CA SER A 53 -11.48 2.26 13.66
C SER A 53 -11.11 2.79 12.29
N VAL A 54 -11.69 3.92 11.88
CA VAL A 54 -11.38 4.47 10.55
C VAL A 54 -9.95 5.01 10.52
N ALA A 55 -9.48 5.57 11.65
CA ALA A 55 -8.10 6.02 11.70
C ALA A 55 -7.12 4.85 11.60
N GLY A 56 -7.45 3.73 12.26
CA GLY A 56 -6.60 2.56 12.17
C GLY A 56 -6.81 1.72 10.92
N GLY A 57 -7.82 2.05 10.11
CA GLY A 57 -8.16 1.23 8.96
C GLY A 57 -7.41 1.54 7.68
N PHE A 58 -6.93 2.77 7.52
CA PHE A 58 -6.20 3.12 6.31
C PHE A 58 -4.90 3.89 6.54
N VAL A 59 -4.66 4.42 7.74
CA VAL A 59 -3.40 5.10 8.02
C VAL A 59 -2.37 4.03 8.40
N GLY A 60 -1.32 3.92 7.60
CA GLY A 60 -0.33 2.89 7.83
C GLY A 60 0.76 2.82 6.78
N LEU A 61 1.03 1.61 6.29
CA LEU A 61 2.12 1.41 5.35
C LEU A 61 1.85 2.05 3.99
N GLY A 62 0.58 2.16 3.60
CA GLY A 62 0.26 2.76 2.31
C GLY A 62 0.60 4.23 2.20
N ASN A 63 0.73 4.93 3.32
CA ASN A 63 1.11 6.34 3.33
C ASN A 63 2.59 6.57 3.58
N VAL A 64 3.31 5.57 4.07
CA VAL A 64 4.70 5.74 4.46
C VAL A 64 5.67 4.99 3.55
N TRP A 65 5.25 3.90 2.92
CA TRP A 65 6.13 3.05 2.14
C TRP A 65 5.79 3.08 0.65
N ARG A 66 4.54 2.79 0.28
CA ARG A 66 4.20 2.64 -1.14
C ARG A 66 4.20 3.98 -1.87
N PHE A 67 3.61 5.01 -1.27
CA PHE A 67 3.56 6.31 -1.93
C PHE A 67 4.94 6.85 -2.28
N PRO A 68 5.93 6.85 -1.38
CA PRO A 68 7.23 7.42 -1.75
C PRO A 68 7.90 6.77 -2.94
N TYR A 69 7.86 5.44 -3.07
CA TYR A 69 8.62 4.83 -4.16
C TYR A 69 7.89 4.96 -5.49
N LEU A 70 6.56 4.96 -5.50
CA LEU A 70 5.83 5.26 -6.72
C LEU A 70 6.06 6.71 -7.15
N CYS A 71 6.10 7.64 -6.19
CA CYS A 71 6.41 9.02 -6.55
C CYS A 71 7.84 9.17 -7.04
N TYR A 72 8.77 8.36 -6.50
CA TYR A 72 10.17 8.43 -6.91
C TYR A 72 10.38 7.83 -8.30
N LYS A 73 9.67 6.76 -8.62
CA LYS A 73 9.84 6.06 -9.89
C LYS A 73 9.33 6.85 -11.08
N ASN A 74 8.44 7.82 -10.87
CA ASN A 74 7.80 8.54 -11.96
C ASN A 74 8.29 9.98 -12.09
N GLY A 75 9.49 10.28 -11.58
CA GLY A 75 10.11 11.57 -11.76
C GLY A 75 9.80 12.59 -10.69
N GLY A 76 8.83 12.32 -9.82
CA GLY A 76 8.55 13.23 -8.72
C GLY A 76 7.36 14.13 -8.94
N GLY A 77 7.62 15.39 -9.29
CA GLY A 77 6.56 16.38 -9.37
C GLY A 77 5.47 16.06 -10.37
N ALA A 78 5.83 15.45 -11.50
CA ALA A 78 4.83 15.09 -12.51
C ALA A 78 3.83 14.07 -12.00
N PHE A 79 4.14 13.38 -10.90
CA PHE A 79 3.20 12.44 -10.28
C PHE A 79 2.13 13.16 -9.49
N LEU A 80 2.36 14.41 -9.08
CA LEU A 80 1.44 15.10 -8.18
C LEU A 80 0.18 15.62 -8.89
N ILE A 81 0.29 16.06 -10.13
CA ILE A 81 -0.85 16.63 -10.84
C ILE A 81 -1.93 15.57 -11.03
N PRO A 82 -1.63 14.39 -11.60
CA PRO A 82 -2.65 13.33 -11.61
C PRO A 82 -3.03 12.88 -10.22
N TYR A 83 -2.11 12.96 -9.26
CA TYR A 83 -2.42 12.61 -7.87
C TYR A 83 -3.58 13.43 -7.34
N PHE A 84 -3.48 14.76 -7.45
CA PHE A 84 -4.54 15.63 -6.94
C PHE A 84 -5.78 15.58 -7.82
N ILE A 85 -5.61 15.45 -9.13
CA ILE A 85 -6.77 15.35 -10.03
C ILE A 85 -7.60 14.13 -9.65
N PHE A 86 -6.96 12.96 -9.53
CA PHE A 86 -7.66 11.76 -9.10
C PHE A 86 -8.19 11.87 -7.68
N LEU A 87 -7.45 12.55 -6.78
CA LEU A 87 -7.95 12.76 -5.43
C LEU A 87 -9.32 13.43 -5.47
N PHE A 88 -9.35 14.69 -5.93
CA PHE A 88 -10.59 15.44 -5.97
C PHE A 88 -11.61 14.94 -6.98
N GLY A 89 -11.24 14.00 -7.84
CA GLY A 89 -12.21 13.44 -8.76
C GLY A 89 -12.89 12.18 -8.24
N SER A 90 -12.13 11.29 -7.61
CA SER A 90 -12.71 10.00 -7.23
C SER A 90 -12.37 9.57 -5.81
N GLY A 91 -11.26 10.05 -5.24
CA GLY A 91 -10.80 9.52 -3.97
C GLY A 91 -11.79 9.79 -2.84
N LEU A 92 -12.28 11.01 -2.75
CA LEU A 92 -13.29 11.37 -1.77
C LEU A 92 -14.69 10.94 -2.23
N PRO A 93 -15.07 11.15 -3.50
CA PRO A 93 -16.41 10.69 -3.92
C PRO A 93 -16.66 9.20 -3.72
N VAL A 94 -15.73 8.34 -4.13
CA VAL A 94 -15.96 6.90 -4.00
C VAL A 94 -15.94 6.47 -2.54
N PHE A 95 -15.05 7.05 -1.74
CA PHE A 95 -15.00 6.72 -0.32
C PHE A 95 -16.30 7.12 0.36
N PHE A 96 -16.80 8.32 0.07
CA PHE A 96 -18.08 8.76 0.62
C PHE A 96 -19.22 7.88 0.12
N LEU A 97 -19.17 7.46 -1.14
CA LEU A 97 -20.20 6.57 -1.67
C LEU A 97 -20.21 5.24 -0.93
N GLU A 98 -19.03 4.68 -0.67
CA GLU A 98 -18.95 3.42 0.08
C GLU A 98 -19.50 3.58 1.49
N ILE A 99 -19.12 4.67 2.17
CA ILE A 99 -19.60 4.90 3.53
C ILE A 99 -21.12 5.05 3.53
N ILE A 100 -21.65 5.82 2.58
CA ILE A 100 -23.08 6.06 2.53
C ILE A 100 -23.85 4.78 2.22
N ILE A 101 -23.35 3.97 1.28
CA ILE A 101 -24.07 2.75 0.93
C ILE A 101 -24.01 1.76 2.08
N GLY A 102 -22.89 1.72 2.81
CA GLY A 102 -22.82 0.87 3.98
C GLY A 102 -23.80 1.29 5.07
N GLN A 103 -23.86 2.60 5.33
CA GLN A 103 -24.79 3.10 6.34
C GLN A 103 -26.24 2.90 5.93
N TYR A 104 -26.53 3.08 4.63
CA TYR A 104 -27.89 2.97 4.14
C TYR A 104 -28.38 1.52 4.16
N THR A 105 -27.54 0.60 3.71
CA THR A 105 -27.95 -0.81 3.66
C THR A 105 -27.66 -1.55 4.95
N SER A 106 -26.83 -0.98 5.83
CA SER A 106 -26.43 -1.61 7.10
C SER A 106 -25.78 -2.97 6.88
N GLU A 107 -25.14 -3.15 5.72
CA GLU A 107 -24.50 -4.41 5.36
C GLU A 107 -23.17 -4.09 4.67
N GLY A 108 -22.44 -5.13 4.31
CA GLY A 108 -21.16 -4.94 3.65
C GLY A 108 -20.84 -6.14 2.77
N GLY A 109 -19.79 -5.99 1.97
CA GLY A 109 -19.38 -7.06 1.08
C GLY A 109 -20.36 -7.25 -0.05
N ILE A 110 -20.80 -8.50 -0.24
CA ILE A 110 -21.67 -8.83 -1.37
C ILE A 110 -23.12 -8.47 -1.05
N THR A 111 -23.44 -8.35 0.24
CA THR A 111 -24.83 -8.18 0.64
C THR A 111 -25.41 -6.86 0.14
N CYS A 112 -24.62 -5.79 0.18
CA CYS A 112 -25.11 -4.49 -0.27
C CYS A 112 -25.42 -4.50 -1.77
N TRP A 113 -24.54 -5.06 -2.57
CA TRP A 113 -24.80 -5.20 -3.99
C TRP A 113 -25.93 -6.18 -4.27
N GLU A 114 -26.20 -7.10 -3.35
CA GLU A 114 -27.32 -8.02 -3.52
C GLU A 114 -28.67 -7.30 -3.53
N LYS A 115 -28.75 -6.09 -2.97
CA LYS A 115 -29.97 -5.30 -3.01
C LYS A 115 -29.83 -4.02 -3.83
N ILE A 116 -28.62 -3.59 -4.16
CA ILE A 116 -28.46 -2.44 -5.05
C ILE A 116 -28.63 -2.86 -6.50
N CYS A 117 -27.89 -3.88 -6.93
CA CYS A 117 -28.01 -4.41 -8.28
C CYS A 117 -27.59 -5.88 -8.29
N PRO A 118 -28.55 -6.80 -8.38
CA PRO A 118 -28.18 -8.24 -8.34
C PRO A 118 -27.21 -8.64 -9.44
N LEU A 119 -27.34 -8.08 -10.65
CA LEU A 119 -26.47 -8.46 -11.75
C LEU A 119 -25.04 -8.01 -11.52
N PHE A 120 -24.84 -6.96 -10.74
CA PHE A 120 -23.52 -6.38 -10.50
C PHE A 120 -22.98 -6.73 -9.13
N SER A 121 -23.18 -7.96 -8.68
CA SER A 121 -22.65 -8.41 -7.40
C SER A 121 -21.22 -8.90 -7.48
N GLY A 122 -20.61 -8.89 -8.67
CA GLY A 122 -19.25 -9.38 -8.82
C GLY A 122 -18.17 -8.48 -8.27
N ILE A 123 -18.50 -7.22 -7.96
CA ILE A 123 -17.53 -6.32 -7.35
C ILE A 123 -17.11 -6.83 -5.98
N GLY A 124 -18.05 -7.41 -5.23
CA GLY A 124 -17.70 -7.97 -3.94
C GLY A 124 -16.70 -9.11 -4.04
N TYR A 125 -16.92 -10.03 -4.99
CA TYR A 125 -16.00 -11.13 -5.19
C TYR A 125 -14.64 -10.65 -5.69
N ALA A 126 -14.65 -9.65 -6.58
CA ALA A 126 -13.38 -9.08 -7.04
C ALA A 126 -12.61 -8.46 -5.88
N SER A 127 -13.31 -7.76 -4.99
CA SER A 127 -12.66 -7.20 -3.81
C SER A 127 -12.13 -8.28 -2.89
N VAL A 128 -12.88 -9.37 -2.74
CA VAL A 128 -12.43 -10.49 -1.90
C VAL A 128 -11.14 -11.08 -2.46
N VAL A 129 -11.09 -11.30 -3.78
CA VAL A 129 -9.88 -11.83 -4.39
C VAL A 129 -8.73 -10.86 -4.24
N ILE A 130 -9.00 -9.56 -4.43
CA ILE A 130 -7.95 -8.55 -4.32
C ILE A 130 -7.36 -8.55 -2.92
N VAL A 131 -8.22 -8.58 -1.89
CA VAL A 131 -7.72 -8.54 -0.52
C VAL A 131 -7.02 -9.84 -0.15
N SER A 132 -7.49 -10.97 -0.70
CA SER A 132 -6.81 -12.25 -0.46
C SER A 132 -5.40 -12.25 -1.03
N LEU A 133 -5.24 -11.74 -2.26
CA LEU A 133 -3.90 -11.64 -2.84
C LEU A 133 -3.07 -10.57 -2.13
N LEU A 134 -3.71 -9.54 -1.60
CA LEU A 134 -2.98 -8.48 -0.92
C LEU A 134 -2.44 -8.94 0.43
N ASN A 135 -3.20 -9.77 1.14
CA ASN A 135 -2.77 -10.25 2.45
C ASN A 135 -1.50 -11.08 2.36
N VAL A 136 -1.31 -11.81 1.26
CA VAL A 136 -0.16 -12.69 1.13
C VAL A 136 1.13 -11.87 1.09
N TYR A 137 1.18 -10.84 0.26
CA TYR A 137 2.39 -10.06 0.09
C TYR A 137 2.44 -8.81 0.98
N TYR A 138 1.40 -8.53 1.76
CA TYR A 138 1.43 -7.38 2.66
C TYR A 138 2.22 -7.68 3.93
N ILE A 139 2.36 -8.95 4.27
CA ILE A 139 3.03 -9.32 5.52
C ILE A 139 4.53 -9.53 5.33
N VAL A 140 5.02 -9.59 4.10
CA VAL A 140 6.46 -9.69 3.89
C VAL A 140 7.15 -8.41 4.34
N ILE A 141 6.46 -7.26 4.20
CA ILE A 141 7.00 -6.02 4.73
C ILE A 141 7.16 -6.10 6.24
N LEU A 142 6.16 -6.66 6.93
CA LEU A 142 6.25 -6.85 8.37
C LEU A 142 7.36 -7.83 8.73
N ALA A 143 7.56 -8.87 7.93
CA ALA A 143 8.66 -9.80 8.17
C ALA A 143 10.01 -9.09 8.06
N TRP A 144 10.18 -8.26 7.03
CA TRP A 144 11.41 -7.48 6.91
C TRP A 144 11.58 -6.52 8.08
N ALA A 145 10.48 -5.91 8.53
CA ALA A 145 10.56 -5.02 9.68
C ALA A 145 10.98 -5.77 10.94
N THR A 146 10.45 -6.98 11.14
CA THR A 146 10.83 -7.79 12.28
C THR A 146 12.30 -8.19 12.20
N TYR A 147 12.78 -8.55 11.01
CA TYR A 147 14.20 -8.86 10.84
C TYR A 147 15.07 -7.66 11.19
N TYR A 148 14.69 -6.48 10.70
CA TYR A 148 15.45 -5.27 10.99
C TYR A 148 15.44 -4.96 12.49
N LEU A 149 14.28 -5.12 13.14
CA LEU A 149 14.19 -4.87 14.57
C LEU A 149 15.06 -5.82 15.37
N PHE A 150 15.06 -7.10 14.98
CA PHE A 150 15.92 -8.07 15.66
C PHE A 150 17.39 -7.74 15.45
N GLN A 151 17.76 -7.32 14.24
CA GLN A 151 19.13 -6.89 13.98
C GLN A 151 19.48 -5.57 14.66
N SER A 152 18.47 -4.84 15.17
CA SER A 152 18.71 -3.56 15.83
C SER A 152 19.26 -3.70 17.24
N PHE A 153 19.04 -4.84 17.91
CA PHE A 153 19.41 -4.97 19.32
C PHE A 153 20.91 -4.99 19.55
N GLN A 154 21.72 -5.18 18.51
CA GLN A 154 23.16 -5.22 18.68
C GLN A 154 23.69 -3.83 19.05
N LYS A 155 24.95 -3.81 19.51
CA LYS A 155 25.55 -2.57 19.98
C LYS A 155 25.68 -1.56 18.85
N GLU A 156 26.05 -2.01 17.65
CA GLU A 156 26.18 -1.14 16.49
C GLU A 156 25.24 -1.63 15.39
N LEU A 157 24.67 -0.68 14.65
CA LEU A 157 23.76 -1.02 13.57
C LEU A 157 24.54 -1.73 12.45
N PRO A 158 24.04 -2.86 11.95
CA PRO A 158 24.79 -3.58 10.91
C PRO A 158 25.01 -2.79 9.63
N TRP A 159 24.09 -1.89 9.28
CA TRP A 159 24.17 -1.17 8.02
C TRP A 159 24.96 0.13 8.12
N ALA A 160 25.57 0.41 9.28
CA ALA A 160 26.39 1.60 9.42
C ALA A 160 27.74 1.47 8.73
N HIS A 161 28.21 0.24 8.48
CA HIS A 161 29.48 0.00 7.82
C HIS A 161 29.34 -1.25 6.96
N CYS A 162 30.34 -1.50 6.11
CA CYS A 162 30.32 -2.64 5.21
C CYS A 162 31.66 -3.39 5.28
N ASN A 163 32.11 -3.64 6.51
CA ASN A 163 33.24 -4.53 6.76
C ASN A 163 32.80 -5.97 6.99
N HIS A 164 31.52 -6.27 6.76
CA HIS A 164 30.98 -7.58 7.08
C HIS A 164 31.36 -8.59 6.00
N SER A 165 30.77 -9.79 6.03
CA SER A 165 31.13 -10.85 5.12
C SER A 165 30.20 -10.99 3.93
N TRP A 166 29.02 -10.35 3.96
CA TRP A 166 28.06 -10.43 2.88
C TRP A 166 28.15 -9.25 1.92
N ASN A 167 29.35 -8.72 1.70
CA ASN A 167 29.55 -7.48 0.97
C ASN A 167 30.46 -7.72 -0.23
N THR A 168 30.14 -7.06 -1.35
CA THR A 168 30.99 -7.11 -2.51
C THR A 168 32.25 -6.28 -2.28
N PRO A 169 33.32 -6.55 -3.03
CA PRO A 169 34.51 -5.68 -2.95
C PRO A 169 34.25 -4.25 -3.36
N HIS A 170 33.18 -3.98 -4.09
CA HIS A 170 32.85 -2.63 -4.54
C HIS A 170 31.96 -1.92 -3.52
N CYS A 171 32.51 -1.66 -2.34
CA CYS A 171 31.81 -0.95 -1.29
C CYS A 171 32.73 0.05 -0.62
N MET A 172 32.14 1.11 -0.08
CA MET A 172 32.84 2.06 0.77
C MET A 172 31.81 2.92 1.47
N GLU A 173 32.28 3.75 2.39
CA GLU A 173 31.39 4.55 3.24
C GLU A 173 30.94 5.81 2.52
N ASP A 174 29.68 6.19 2.77
CA ASP A 174 29.13 7.40 2.14
C ASP A 174 29.79 8.66 2.69
N THR A 175 30.31 8.61 3.92
CA THR A 175 30.92 9.78 4.52
C THR A 175 32.15 10.27 3.74
N MET A 176 32.79 9.39 2.97
CA MET A 176 33.93 9.79 2.16
C MET A 176 33.84 9.27 0.73
N ARG A 177 32.64 8.93 0.26
CA ARG A 177 32.47 8.48 -1.12
C ARG A 177 32.83 9.58 -2.11
N LYS A 178 32.52 10.83 -1.76
CA LYS A 178 32.79 11.96 -2.64
C LYS A 178 34.26 12.35 -2.69
N ASN A 179 35.14 11.63 -2.00
CA ASN A 179 36.56 11.96 -2.02
C ASN A 179 37.10 11.80 -3.44
N LYS A 180 38.10 12.63 -3.78
CA LYS A 180 38.53 12.75 -5.17
C LYS A 180 39.06 11.43 -5.72
N SER A 181 39.82 10.69 -4.92
CA SER A 181 40.38 9.42 -5.38
C SER A 181 39.31 8.36 -5.63
N VAL A 182 38.10 8.58 -5.13
CA VAL A 182 37.01 7.59 -5.24
C VAL A 182 35.78 8.26 -5.85
N TRP A 183 36.01 9.22 -6.75
CA TRP A 183 34.93 10.04 -7.30
C TRP A 183 34.98 9.95 -8.82
N ILE A 184 34.24 10.80 -9.52
CA ILE A 184 34.14 10.75 -10.99
C ILE A 184 35.50 10.72 -11.66
N THR A 185 36.56 11.08 -10.93
CA THR A 185 37.92 10.95 -11.46
C THR A 185 38.18 9.53 -11.97
N ILE A 186 37.77 8.52 -11.21
CA ILE A 186 37.93 7.13 -11.64
C ILE A 186 36.99 6.25 -10.81
N SER A 187 36.37 5.28 -11.48
CA SER A 187 35.62 4.20 -10.82
C SER A 187 34.51 4.73 -9.91
N SER A 188 33.72 5.67 -10.45
CA SER A 188 32.60 6.24 -9.69
C SER A 188 31.26 5.63 -10.08
N THR A 189 31.23 4.66 -10.99
CA THR A 189 29.97 4.09 -11.49
C THR A 189 29.58 2.80 -10.80
N ASN A 190 30.55 1.94 -10.48
CA ASN A 190 30.28 0.62 -9.93
C ASN A 190 30.48 0.54 -8.42
N PHE A 191 30.62 1.68 -7.75
CA PHE A 191 30.67 1.68 -6.29
C PHE A 191 29.27 1.52 -5.71
N THR A 192 29.21 1.16 -4.43
CA THR A 192 27.93 0.95 -3.76
C THR A 192 28.07 1.34 -2.30
N SER A 193 26.93 1.78 -1.70
CA SER A 193 26.80 2.17 -0.31
C SER A 193 26.50 0.96 0.56
N PRO A 194 26.89 1.01 1.85
CA PRO A 194 26.64 -0.13 2.73
C PRO A 194 25.17 -0.48 2.87
N VAL A 195 24.27 0.51 2.87
CA VAL A 195 22.85 0.22 3.03
C VAL A 195 22.31 -0.59 1.86
N ILE A 196 22.68 -0.19 0.64
CA ILE A 196 22.21 -0.90 -0.55
C ILE A 196 22.70 -2.35 -0.53
N GLU A 197 23.99 -2.54 -0.24
CA GLU A 197 24.53 -3.89 -0.22
C GLU A 197 23.88 -4.73 0.87
N PHE A 198 23.66 -4.15 2.05
CA PHE A 198 22.99 -4.88 3.12
C PHE A 198 21.61 -5.33 2.68
N TRP A 199 20.79 -4.38 2.19
CA TRP A 199 19.43 -4.72 1.78
C TRP A 199 19.41 -5.73 0.65
N GLU A 200 20.42 -5.69 -0.23
CA GLU A 200 20.41 -6.55 -1.40
C GLU A 200 20.95 -7.95 -1.11
N ARG A 201 21.82 -8.10 -0.11
CA ARG A 201 22.46 -9.38 0.14
C ARG A 201 22.10 -10.01 1.48
N ASN A 202 22.22 -9.26 2.58
CA ASN A 202 21.97 -9.87 3.89
C ASN A 202 20.48 -10.21 4.05
N VAL A 203 19.60 -9.28 3.66
CA VAL A 203 18.18 -9.50 3.85
C VAL A 203 17.60 -10.27 2.67
N LEU A 204 18.00 -9.93 1.45
CA LEU A 204 17.43 -10.51 0.24
C LEU A 204 18.30 -11.57 -0.38
N SER A 205 19.61 -11.31 -0.51
CA SER A 205 20.52 -12.16 -1.29
C SER A 205 19.97 -12.34 -2.71
N LEU A 206 19.90 -11.23 -3.44
CA LEU A 206 19.18 -11.21 -4.71
C LEU A 206 19.88 -12.07 -5.75
N SER A 207 19.10 -12.89 -6.42
CA SER A 207 19.52 -13.78 -7.50
C SER A 207 19.60 -13.01 -8.82
N PRO A 208 20.31 -13.55 -9.82
CA PRO A 208 20.39 -12.86 -11.11
C PRO A 208 19.05 -12.61 -11.77
N GLY A 209 18.07 -13.47 -11.53
CA GLY A 209 16.76 -13.30 -12.13
C GLY A 209 15.73 -14.18 -11.47
N ILE A 210 14.48 -14.00 -11.90
CA ILE A 210 13.39 -14.81 -11.36
C ILE A 210 13.53 -16.26 -11.79
N ASP A 211 14.17 -16.52 -12.93
CA ASP A 211 14.31 -17.88 -13.43
C ASP A 211 15.23 -18.71 -12.53
N HIS A 212 16.02 -18.04 -11.68
CA HIS A 212 16.91 -18.73 -10.75
C HIS A 212 16.41 -18.46 -9.33
N PRO A 213 15.50 -19.29 -8.79
CA PRO A 213 14.96 -19.02 -7.44
C PRO A 213 15.93 -19.30 -6.31
N GLY A 214 17.01 -20.05 -6.55
CA GLY A 214 17.96 -20.32 -5.50
C GLY A 214 17.40 -21.25 -4.44
N SER A 215 17.83 -21.04 -3.19
CA SER A 215 17.42 -21.85 -2.06
C SER A 215 16.68 -20.98 -1.05
N LEU A 216 15.74 -21.61 -0.34
CA LEU A 216 14.90 -20.90 0.62
C LEU A 216 15.73 -20.39 1.80
N LYS A 217 15.43 -19.17 2.23
CA LYS A 217 16.02 -18.60 3.43
C LYS A 217 15.16 -18.94 4.63
N TRP A 218 15.79 -19.45 5.70
CA TRP A 218 15.05 -19.96 6.84
C TRP A 218 14.76 -18.90 7.89
N ASP A 219 15.67 -17.92 8.06
CA ASP A 219 15.45 -16.88 9.06
C ASP A 219 14.27 -15.98 8.72
N LEU A 220 14.14 -15.58 7.45
CA LEU A 220 12.95 -14.82 7.06
C LEU A 220 11.68 -15.66 7.17
N ALA A 221 11.78 -16.96 6.90
CA ALA A 221 10.63 -17.83 7.09
C ALA A 221 10.21 -17.88 8.56
N LEU A 222 11.19 -17.94 9.46
CA LEU A 222 10.89 -17.92 10.89
C LEU A 222 10.27 -16.60 11.32
N CYS A 223 10.78 -15.48 10.78
CA CYS A 223 10.19 -14.18 11.10
C CYS A 223 8.75 -14.09 10.59
N LEU A 224 8.49 -14.59 9.39
CA LEU A 224 7.13 -14.61 8.85
C LEU A 224 6.23 -15.48 9.71
N LEU A 225 6.72 -16.64 10.15
CA LEU A 225 5.94 -17.51 11.02
C LEU A 225 5.63 -16.82 12.35
N LEU A 226 6.62 -16.12 12.91
CA LEU A 226 6.40 -15.41 14.18
C LEU A 226 5.34 -14.33 14.03
N VAL A 227 5.40 -13.56 12.92
CA VAL A 227 4.41 -12.52 12.70
C VAL A 227 3.02 -13.13 12.51
N TRP A 228 2.94 -14.23 11.76
CA TRP A 228 1.65 -14.89 11.57
C TRP A 228 1.11 -15.45 12.88
N LEU A 229 1.98 -15.98 13.73
CA LEU A 229 1.55 -16.48 15.03
C LEU A 229 1.04 -15.36 15.92
N VAL A 230 1.72 -14.21 15.90
CA VAL A 230 1.25 -13.05 16.66
C VAL A 230 -0.12 -12.61 16.16
N CYS A 231 -0.29 -12.57 14.84
CA CYS A 231 -1.59 -12.19 14.27
C CYS A 231 -2.69 -13.18 14.66
N PHE A 232 -2.37 -14.47 14.61
CA PHE A 232 -3.34 -15.50 15.00
C PHE A 232 -3.71 -15.37 16.47
N PHE A 233 -2.73 -15.12 17.34
CA PHE A 233 -3.01 -14.95 18.76
C PHE A 233 -3.89 -13.74 18.99
N CYS A 234 -3.63 -12.64 18.29
CA CYS A 234 -4.43 -11.43 18.45
C CYS A 234 -5.86 -11.64 17.97
N ILE A 235 -6.03 -12.29 16.81
CA ILE A 235 -7.37 -12.47 16.25
C ILE A 235 -8.18 -13.46 17.07
N TRP A 236 -7.55 -14.57 17.50
CA TRP A 236 -8.28 -15.64 18.17
C TRP A 236 -8.87 -15.16 19.49
N LYS A 237 -8.12 -14.38 20.26
CA LYS A 237 -8.58 -13.90 21.55
C LYS A 237 -9.27 -12.55 21.48
N GLY A 238 -9.41 -11.98 20.29
CA GLY A 238 -10.07 -10.69 20.16
C GLY A 238 -9.35 -9.55 20.86
N VAL A 239 -8.03 -9.52 20.76
CA VAL A 239 -7.22 -8.53 21.46
C VAL A 239 -7.11 -7.29 20.57
N ARG A 240 -7.85 -6.24 20.93
CA ARG A 240 -7.77 -4.95 20.27
C ARG A 240 -7.51 -3.86 21.31
N SER A 241 -6.94 -2.76 20.85
CA SER A 241 -6.70 -1.63 21.73
C SER A 241 -8.02 -1.07 22.26
N THR A 242 -8.06 -0.81 23.55
CA THR A 242 -9.27 -0.31 24.19
C THR A 242 -8.87 0.45 25.45
N GLY A 243 -9.80 1.23 25.97
CA GLY A 243 -9.52 1.98 27.18
C GLY A 243 -8.58 3.15 26.92
N LYS A 244 -7.52 3.22 27.71
CA LYS A 244 -6.59 4.35 27.64
C LYS A 244 -5.34 4.06 26.81
N VAL A 245 -5.05 2.78 26.52
CA VAL A 245 -3.85 2.46 25.76
C VAL A 245 -3.94 2.97 24.34
N VAL A 246 -5.16 3.13 23.81
CA VAL A 246 -5.31 3.62 22.45
C VAL A 246 -4.86 5.07 22.32
N TYR A 247 -4.85 5.83 23.42
CA TYR A 247 -4.28 7.17 23.39
C TYR A 247 -2.83 7.14 22.95
N PHE A 248 -2.02 6.31 23.61
CA PHE A 248 -0.63 6.14 23.19
C PHE A 248 -0.55 5.53 21.80
N THR A 249 -1.39 4.53 21.52
CA THR A 249 -1.36 3.86 20.22
C THR A 249 -1.60 4.84 19.09
N ALA A 250 -2.37 5.90 19.33
CA ALA A 250 -2.63 6.90 18.30
C ALA A 250 -1.63 8.04 18.30
N THR A 251 -1.10 8.43 19.47
CA THR A 251 -0.21 9.58 19.52
C THR A 251 1.26 9.22 19.31
N PHE A 252 1.61 7.94 19.29
CA PHE A 252 3.01 7.57 19.10
C PHE A 252 3.43 7.64 17.63
N PRO A 253 2.66 7.05 16.68
CA PRO A 253 3.08 7.16 15.28
C PRO A 253 3.18 8.59 14.78
N PHE A 254 2.27 9.47 15.21
CA PHE A 254 2.32 10.86 14.77
C PHE A 254 3.55 11.57 15.33
N ALA A 255 3.89 11.31 16.60
CA ALA A 255 5.08 11.91 17.17
C ALA A 255 6.35 11.42 16.48
N MET A 256 6.41 10.12 16.18
CA MET A 256 7.56 9.57 15.47
C MET A 256 7.68 10.18 14.07
N LEU A 257 6.55 10.31 13.36
CA LEU A 257 6.58 10.95 12.06
C LEU A 257 7.01 12.40 12.15
N LEU A 258 6.56 13.11 13.20
CA LEU A 258 6.93 14.51 13.36
C LEU A 258 8.43 14.66 13.61
N VAL A 259 9.01 13.82 14.48
CA VAL A 259 10.43 13.94 14.74
C VAL A 259 11.26 13.53 13.52
N LEU A 260 10.79 12.51 12.78
CA LEU A 260 11.47 12.15 11.55
C LEU A 260 11.40 13.27 10.53
N LEU A 261 10.26 13.95 10.43
CA LEU A 261 10.11 15.07 9.51
C LEU A 261 11.05 16.22 9.90
N VAL A 262 11.14 16.51 11.19
CA VAL A 262 12.05 17.57 11.64
C VAL A 262 13.49 17.22 11.31
N ARG A 263 13.88 15.97 11.58
CA ARG A 263 15.24 15.53 11.27
C ARG A 263 15.54 15.64 9.79
N GLY A 264 14.59 15.20 8.95
CA GLY A 264 14.79 15.28 7.51
C GLY A 264 14.89 16.70 7.00
N LEU A 265 14.00 17.57 7.49
CA LEU A 265 14.02 18.96 7.06
C LEU A 265 15.28 19.68 7.50
N THR A 266 15.82 19.31 8.66
CA THR A 266 17.06 19.92 9.14
C THR A 266 18.31 19.37 8.45
N LEU A 267 18.17 18.34 7.62
CA LEU A 267 19.29 17.73 6.90
C LEU A 267 19.72 18.62 5.74
N PRO A 268 21.02 18.79 5.53
CA PRO A 268 21.50 19.60 4.41
C PRO A 268 21.14 18.96 3.08
N GLY A 269 20.93 19.81 2.07
CA GLY A 269 20.62 19.33 0.74
C GLY A 269 19.18 18.90 0.53
N ALA A 270 18.28 19.19 1.47
CA ALA A 270 16.89 18.81 1.32
C ALA A 270 16.14 19.73 0.36
N GLY A 271 16.67 20.91 0.06
CA GLY A 271 16.01 21.79 -0.89
C GLY A 271 15.91 21.20 -2.28
N ALA A 272 16.98 20.54 -2.73
CA ALA A 272 16.94 19.86 -4.02
C ALA A 272 15.90 18.75 -4.02
N GLY A 273 15.81 18.01 -2.91
CA GLY A 273 14.78 16.98 -2.81
C GLY A 273 13.37 17.54 -2.88
N ILE A 274 13.14 18.67 -2.19
CA ILE A 274 11.83 19.31 -2.25
C ILE A 274 11.52 19.79 -3.65
N LYS A 275 12.51 20.38 -4.33
CA LYS A 275 12.31 20.83 -5.70
C LYS A 275 11.99 19.67 -6.63
N PHE A 276 12.68 18.54 -6.46
CA PHE A 276 12.40 17.36 -7.25
C PHE A 276 10.99 16.83 -6.96
N TYR A 277 10.58 16.88 -5.70
CA TYR A 277 9.28 16.34 -5.31
C TYR A 277 8.13 17.23 -5.79
N LEU A 278 8.36 18.54 -5.90
CA LEU A 278 7.28 19.49 -6.16
C LEU A 278 7.16 19.89 -7.62
N TYR A 279 8.24 20.40 -8.22
CA TYR A 279 8.15 20.91 -9.59
C TYR A 279 7.96 19.76 -10.58
N PRO A 280 6.95 19.82 -11.44
CA PRO A 280 6.66 18.70 -12.33
C PRO A 280 7.34 18.81 -13.69
N ASP A 281 7.33 17.69 -14.40
CA ASP A 281 7.81 17.60 -15.77
C ASP A 281 6.62 17.41 -16.70
N ILE A 282 6.44 18.36 -17.62
CA ILE A 282 5.27 18.33 -18.50
C ILE A 282 5.36 17.18 -19.49
N THR A 283 6.53 16.98 -20.09
CA THR A 283 6.67 15.95 -21.12
C THR A 283 6.46 14.55 -20.56
N ARG A 284 6.79 14.34 -19.28
CA ARG A 284 6.65 13.01 -18.68
C ARG A 284 5.19 12.60 -18.59
N LEU A 285 4.26 13.55 -18.66
CA LEU A 285 2.83 13.27 -18.50
C LEU A 285 2.23 12.56 -19.70
N GLU A 286 2.96 12.41 -20.81
CA GLU A 286 2.42 11.78 -22.00
C GLU A 286 2.45 10.26 -21.94
N ASP A 287 2.89 9.68 -20.83
CA ASP A 287 2.89 8.24 -20.65
C ASP A 287 1.79 7.85 -19.68
N PRO A 288 1.04 6.78 -19.98
CA PRO A 288 -0.05 6.37 -19.08
C PRO A 288 0.43 5.85 -17.73
N GLN A 289 1.72 5.59 -17.59
CA GLN A 289 2.24 5.04 -16.34
C GLN A 289 1.95 5.95 -15.16
N VAL A 290 2.25 7.24 -15.30
CA VAL A 290 2.06 8.17 -14.19
C VAL A 290 0.60 8.25 -13.79
N TRP A 291 -0.29 8.36 -14.78
CA TRP A 291 -1.72 8.47 -14.49
C TRP A 291 -2.23 7.21 -13.79
N ILE A 292 -1.85 6.04 -14.30
CA ILE A 292 -2.39 4.81 -13.73
C ILE A 292 -1.84 4.58 -12.33
N ASP A 293 -0.55 4.86 -12.09
CA ASP A 293 -0.04 4.64 -10.75
C ASP A 293 -0.55 5.67 -9.76
N ALA A 294 -0.81 6.91 -10.19
CA ALA A 294 -1.43 7.89 -9.30
C ALA A 294 -2.85 7.46 -8.93
N GLY A 295 -3.62 6.99 -9.92
CA GLY A 295 -4.96 6.51 -9.62
C GLY A 295 -4.95 5.33 -8.66
N THR A 296 -4.03 4.38 -8.87
CA THR A 296 -3.95 3.25 -7.97
C THR A 296 -3.44 3.63 -6.58
N GLN A 297 -2.55 4.62 -6.49
CA GLN A 297 -2.14 5.11 -5.17
C GLN A 297 -3.33 5.72 -4.43
N ILE A 298 -4.15 6.50 -5.14
CA ILE A 298 -5.36 7.03 -4.52
C ILE A 298 -6.26 5.89 -4.05
N PHE A 299 -6.46 4.89 -4.90
CA PHE A 299 -7.38 3.80 -4.56
C PHE A 299 -6.81 2.86 -3.50
N PHE A 300 -5.49 2.89 -3.27
CA PHE A 300 -4.83 2.00 -2.32
C PHE A 300 -4.70 2.64 -0.94
N SER A 301 -4.24 3.90 -0.89
CA SER A 301 -4.04 4.56 0.40
C SER A 301 -5.35 4.71 1.16
N TYR A 302 -6.46 4.91 0.44
CA TYR A 302 -7.77 5.04 1.06
C TYR A 302 -8.48 3.71 1.27
N ALA A 303 -7.83 2.59 0.91
CA ALA A 303 -8.39 1.25 1.08
C ALA A 303 -9.73 1.12 0.38
N ILE A 304 -9.83 1.68 -0.81
CA ILE A 304 -11.04 1.61 -1.61
C ILE A 304 -11.06 0.29 -2.38
N CYS A 305 -12.27 -0.21 -2.64
CA CYS A 305 -12.53 -1.43 -3.41
C CYS A 305 -12.03 -2.69 -2.73
N LEU A 306 -11.84 -2.65 -1.40
CA LEU A 306 -11.47 -3.85 -0.65
C LEU A 306 -12.62 -4.40 0.18
N GLY A 307 -13.80 -3.77 0.14
CA GLY A 307 -14.93 -4.25 0.89
C GLY A 307 -14.87 -3.98 2.38
N ALA A 308 -14.02 -3.04 2.82
CA ALA A 308 -13.88 -2.75 4.24
C ALA A 308 -14.71 -1.54 4.67
N MET A 309 -14.67 -0.46 3.88
CA MET A 309 -15.40 0.75 4.24
C MET A 309 -16.91 0.54 4.18
N THR A 310 -17.39 -0.37 3.33
CA THR A 310 -18.82 -0.68 3.33
C THR A 310 -19.26 -1.25 4.67
N SER A 311 -18.49 -2.18 5.24
CA SER A 311 -18.82 -2.71 6.56
C SER A 311 -18.61 -1.66 7.64
N LEU A 312 -17.56 -0.84 7.51
CA LEU A 312 -17.30 0.21 8.48
C LEU A 312 -18.47 1.18 8.58
N GLY A 313 -19.04 1.55 7.42
CA GLY A 313 -20.24 2.37 7.43
C GLY A 313 -21.48 1.60 7.86
N SER A 314 -21.49 0.28 7.62
CA SER A 314 -22.62 -0.53 8.07
C SER A 314 -22.71 -0.55 9.59
N TYR A 315 -21.58 -0.50 10.28
CA TYR A 315 -21.60 -0.43 11.74
C TYR A 315 -22.33 0.83 12.22
N ASN A 316 -22.24 1.91 11.44
CA ASN A 316 -22.92 3.15 11.79
C ASN A 316 -24.43 2.99 11.68
N LYS A 317 -25.15 3.85 12.40
CA LYS A 317 -26.62 3.83 12.38
C LYS A 317 -27.13 5.01 11.55
N TYR A 318 -28.45 5.17 11.49
CA TYR A 318 -29.05 6.29 10.79
C TYR A 318 -28.82 7.59 11.56
N LYS A 319 -29.13 8.71 10.90
CA LYS A 319 -29.09 10.03 11.52
C LYS A 319 -27.70 10.37 12.06
N TYR A 320 -26.70 10.27 11.18
CA TYR A 320 -25.32 10.59 11.53
C TYR A 320 -24.70 11.38 10.39
N ASN A 321 -23.92 12.39 10.75
CA ASN A 321 -23.26 13.26 9.76
C ASN A 321 -21.98 12.59 9.29
N SER A 322 -22.16 11.65 8.35
CA SER A 322 -21.00 10.94 7.80
C SER A 322 -20.19 11.82 6.86
N TYR A 323 -20.82 12.85 6.29
CA TYR A 323 -20.16 13.65 5.25
C TYR A 323 -18.97 14.42 5.81
N ARG A 324 -19.17 15.13 6.92
CA ARG A 324 -18.09 15.92 7.50
C ARG A 324 -16.95 15.03 7.96
N ASP A 325 -17.26 13.90 8.60
CA ASP A 325 -16.23 12.98 9.05
C ASP A 325 -15.45 12.41 7.87
N CYS A 326 -16.15 12.04 6.79
CA CYS A 326 -15.47 11.49 5.62
C CYS A 326 -14.53 12.51 5.01
N MET A 327 -14.99 13.76 4.88
CA MET A 327 -14.13 14.80 4.31
C MET A 327 -12.92 15.05 5.20
N LEU A 328 -13.13 15.12 6.52
CA LEU A 328 -12.01 15.36 7.43
C LEU A 328 -11.00 14.22 7.39
N LEU A 329 -11.48 12.98 7.34
CA LEU A 329 -10.57 11.84 7.28
C LEU A 329 -9.79 11.81 5.98
N GLY A 330 -10.45 12.11 4.86
CA GLY A 330 -9.74 12.19 3.59
C GLY A 330 -8.66 13.25 3.60
N CYS A 331 -8.99 14.44 4.13
CA CYS A 331 -7.99 15.49 4.21
C CYS A 331 -6.83 15.10 5.12
N LEU A 332 -7.12 14.45 6.25
CA LEU A 332 -6.06 14.02 7.15
C LEU A 332 -5.16 12.99 6.48
N ASN A 333 -5.74 12.03 5.77
CA ASN A 333 -4.95 11.01 5.09
C ASN A 333 -4.06 11.63 4.02
N SER A 334 -4.64 12.56 3.23
CA SER A 334 -3.85 13.21 2.19
C SER A 334 -2.73 14.05 2.78
N GLY A 335 -3.00 14.77 3.87
CA GLY A 335 -1.93 15.55 4.50
C GLY A 335 -0.84 14.68 5.08
N THR A 336 -1.21 13.56 5.68
CA THR A 336 -0.20 12.63 6.20
C THR A 336 0.67 12.09 5.08
N SER A 337 0.06 11.70 3.96
CA SER A 337 0.85 11.24 2.82
C SER A 337 1.75 12.35 2.29
N PHE A 338 1.25 13.58 2.25
CA PHE A 338 2.00 14.69 1.70
C PHE A 338 3.24 15.00 2.56
N VAL A 339 3.05 15.02 3.89
CA VAL A 339 4.19 15.29 4.78
C VAL A 339 5.16 14.11 4.80
N SER A 340 4.65 12.88 4.68
CA SER A 340 5.54 11.74 4.58
C SER A 340 6.39 11.82 3.32
N GLY A 341 5.79 12.26 2.21
CA GLY A 341 6.56 12.50 1.00
C GLY A 341 7.61 13.56 1.20
N PHE A 342 7.25 14.65 1.91
CA PHE A 342 8.25 15.66 2.27
C PHE A 342 9.46 15.01 2.96
N ALA A 343 9.20 14.19 3.98
CA ALA A 343 10.30 13.59 4.73
C ALA A 343 11.14 12.67 3.84
N ILE A 344 10.48 11.79 3.08
CA ILE A 344 11.19 10.83 2.24
C ILE A 344 12.07 11.57 1.23
N PHE A 345 11.52 12.58 0.56
CA PHE A 345 12.30 13.25 -0.47
C PHE A 345 13.36 14.17 0.10
N SER A 346 13.18 14.69 1.32
CA SER A 346 14.29 15.38 1.98
C SER A 346 15.45 14.42 2.22
N ILE A 347 15.13 13.21 2.73
CA ILE A 347 16.19 12.23 2.96
C ILE A 347 16.85 11.83 1.64
N LEU A 348 16.05 11.62 0.60
CA LEU A 348 16.60 11.23 -0.71
C LEU A 348 17.49 12.32 -1.28
N GLY A 349 17.08 13.59 -1.14
CA GLY A 349 17.93 14.69 -1.58
C GLY A 349 19.24 14.73 -0.81
N PHE A 350 19.19 14.49 0.50
CA PHE A 350 20.42 14.47 1.28
C PHE A 350 21.36 13.36 0.81
N MET A 351 20.81 12.15 0.59
CA MET A 351 21.65 11.04 0.14
C MET A 351 22.22 11.30 -1.25
N ALA A 352 21.41 11.87 -2.15
CA ALA A 352 21.90 12.18 -3.49
C ALA A 352 23.00 13.24 -3.45
N GLN A 353 22.85 14.25 -2.58
CA GLN A 353 23.87 15.27 -2.45
C GLN A 353 25.17 14.69 -1.89
N GLU A 354 25.06 13.81 -0.90
CA GLU A 354 26.25 13.27 -0.25
C GLU A 354 26.96 12.21 -1.08
N GLN A 355 26.23 11.43 -1.87
CA GLN A 355 26.86 10.37 -2.64
C GLN A 355 27.58 10.91 -3.87
N GLY A 356 27.06 11.97 -4.47
CA GLY A 356 27.63 12.52 -5.68
C GLY A 356 26.94 12.13 -6.97
N VAL A 357 25.80 11.45 -6.89
CA VAL A 357 25.06 11.05 -8.09
C VAL A 357 23.76 11.84 -8.15
N ASP A 358 23.03 11.69 -9.26
CA ASP A 358 21.78 12.40 -9.46
C ASP A 358 20.66 11.81 -8.62
N ILE A 359 19.66 12.63 -8.32
CA ILE A 359 18.56 12.20 -7.46
C ILE A 359 17.75 11.09 -8.12
N ALA A 360 17.62 11.13 -9.44
CA ALA A 360 16.75 10.18 -10.13
C ALA A 360 17.20 8.74 -9.92
N ASP A 361 18.50 8.50 -9.75
CA ASP A 361 19.02 7.16 -9.49
C ASP A 361 20.01 7.23 -8.34
N VAL A 362 19.48 7.10 -7.12
CA VAL A 362 20.31 7.09 -5.91
C VAL A 362 19.87 5.94 -5.02
N ALA A 363 18.71 5.35 -5.34
CA ALA A 363 18.17 4.28 -4.51
C ALA A 363 17.65 3.14 -5.38
N GLU A 364 16.93 2.20 -4.77
CA GLU A 364 16.48 1.02 -5.50
C GLU A 364 15.44 1.36 -6.57
N SER A 365 14.66 2.43 -6.36
CA SER A 365 13.53 2.79 -7.20
C SER A 365 12.47 1.70 -7.23
N GLY A 366 12.42 0.85 -6.22
CA GLY A 366 11.47 -0.24 -6.16
C GLY A 366 10.77 -0.31 -4.82
N PRO A 367 10.25 -1.48 -4.47
CA PRO A 367 9.47 -1.61 -3.23
C PRO A 367 10.27 -1.28 -1.97
N GLY A 368 11.58 -1.47 -1.99
CA GLY A 368 12.37 -1.28 -0.79
C GLY A 368 13.00 0.09 -0.64
N LEU A 369 12.25 1.14 -0.97
CA LEU A 369 12.79 2.50 -0.82
C LEU A 369 12.80 2.94 0.64
N ALA A 370 11.76 2.58 1.39
CA ALA A 370 11.68 2.95 2.80
C ALA A 370 12.83 2.33 3.59
N PHE A 371 13.14 1.07 3.32
CA PHE A 371 14.21 0.36 4.01
C PHE A 371 15.60 0.86 3.63
N ILE A 372 15.70 1.73 2.63
CA ILE A 372 16.95 2.42 2.35
C ILE A 372 16.96 3.84 2.90
N ALA A 373 15.82 4.54 2.90
CA ALA A 373 15.79 5.91 3.37
C ALA A 373 15.76 5.98 4.89
N TYR A 374 14.74 5.38 5.51
CA TYR A 374 14.59 5.51 6.96
C TYR A 374 15.75 4.94 7.76
N PRO A 375 16.27 3.74 7.49
CA PRO A 375 17.46 3.29 8.23
C PRO A 375 18.65 4.21 8.07
N LYS A 376 18.77 4.89 6.93
CA LYS A 376 19.81 5.91 6.78
C LYS A 376 19.51 7.14 7.62
N ALA A 377 18.22 7.47 7.81
CA ALA A 377 17.87 8.65 8.57
C ALA A 377 18.08 8.44 10.07
N VAL A 378 17.75 7.24 10.57
CA VAL A 378 17.83 6.96 12.00
C VAL A 378 19.28 6.87 12.44
N THR A 379 20.20 6.80 11.48
CA THR A 379 21.62 6.76 11.81
C THR A 379 22.15 8.11 12.24
N MET A 380 21.56 9.21 11.78
CA MET A 380 22.03 10.55 12.13
C MET A 380 21.53 11.01 13.49
N MET A 381 20.53 10.36 14.07
CA MET A 381 20.01 10.76 15.36
C MET A 381 20.94 10.30 16.48
N PRO A 382 21.04 11.07 17.57
CA PRO A 382 21.80 10.62 18.74
C PRO A 382 21.17 9.37 19.34
N LEU A 383 22.04 8.49 19.84
CA LEU A 383 21.63 7.17 20.34
C LEU A 383 20.86 6.44 19.24
N PRO A 384 21.52 6.03 18.16
CA PRO A 384 20.79 5.48 17.01
C PRO A 384 19.98 4.23 17.33
N THR A 385 20.45 3.40 18.25
CA THR A 385 19.76 2.13 18.54
C THR A 385 18.36 2.37 19.08
N PHE A 386 18.22 3.29 20.04
CA PHE A 386 16.92 3.54 20.65
C PHE A 386 15.93 4.07 19.63
N TRP A 387 16.35 5.03 18.80
CA TRP A 387 15.48 5.57 17.78
C TRP A 387 15.13 4.54 16.72
N SER A 388 16.09 3.67 16.36
CA SER A 388 15.79 2.61 15.40
C SER A 388 14.75 1.65 15.95
N ILE A 389 14.89 1.26 17.23
CA ILE A 389 13.91 0.39 17.85
C ILE A 389 12.54 1.05 17.87
N LEU A 390 12.49 2.34 18.24
CA LEU A 390 11.22 3.05 18.28
C LEU A 390 10.59 3.11 16.90
N PHE A 391 11.38 3.41 15.87
CA PHE A 391 10.84 3.52 14.53
C PHE A 391 10.31 2.18 14.01
N PHE A 392 11.04 1.09 14.28
CA PHE A 392 10.57 -0.20 13.80
C PHE A 392 9.38 -0.70 14.59
N ILE A 393 9.29 -0.35 15.88
CA ILE A 393 8.07 -0.63 16.63
C ILE A 393 6.90 0.17 16.06
N MET A 394 7.16 1.41 15.64
CA MET A 394 6.10 2.20 15.00
C MET A 394 5.64 1.55 13.70
N LEU A 395 6.58 1.07 12.89
CA LEU A 395 6.21 0.37 11.66
C LEU A 395 5.40 -0.87 11.96
N LEU A 396 5.81 -1.65 12.97
CA LEU A 396 5.08 -2.85 13.35
C LEU A 396 3.67 -2.50 13.82
N LEU A 397 3.53 -1.42 14.59
CA LEU A 397 2.20 -1.03 15.07
C LEU A 397 1.32 -0.56 13.92
N LEU A 398 1.86 0.24 13.00
CA LEU A 398 1.09 0.68 11.84
C LEU A 398 0.71 -0.47 10.92
N GLY A 399 1.51 -1.53 10.89
CA GLY A 399 1.20 -2.66 10.04
C GLY A 399 0.26 -3.67 10.66
N LEU A 400 0.43 -3.93 11.96
CA LEU A 400 -0.31 -5.01 12.61
C LEU A 400 -1.80 -4.72 12.71
N ASP A 401 -2.16 -3.46 13.03
CA ASP A 401 -3.58 -3.13 13.14
C ASP A 401 -4.29 -3.27 11.80
N SER A 402 -3.66 -2.78 10.72
CA SER A 402 -4.24 -2.94 9.39
C SER A 402 -4.31 -4.40 9.01
N GLN A 403 -3.27 -5.17 9.32
CA GLN A 403 -3.28 -6.60 9.02
C GLN A 403 -4.42 -7.29 9.75
N PHE A 404 -4.61 -6.96 11.03
CA PHE A 404 -5.68 -7.56 11.82
C PHE A 404 -7.04 -7.23 11.23
N VAL A 405 -7.28 -5.95 10.91
CA VAL A 405 -8.60 -5.57 10.43
C VAL A 405 -8.88 -6.20 9.06
N GLU A 406 -7.88 -6.23 8.18
CA GLU A 406 -8.08 -6.83 6.87
C GLU A 406 -8.33 -8.33 6.96
N VAL A 407 -7.56 -9.03 7.79
CA VAL A 407 -7.76 -10.48 7.92
C VAL A 407 -9.11 -10.77 8.59
N GLU A 408 -9.49 -9.97 9.58
CA GLU A 408 -10.79 -10.16 10.22
C GLU A 408 -11.92 -9.95 9.23
N GLY A 409 -11.84 -8.89 8.43
CA GLY A 409 -12.85 -8.69 7.40
C GLY A 409 -12.90 -9.82 6.40
N GLN A 410 -11.74 -10.34 6.02
CA GLN A 410 -11.70 -11.47 5.10
C GLN A 410 -12.36 -12.70 5.70
N ILE A 411 -12.06 -13.01 6.97
CA ILE A 411 -12.66 -14.18 7.59
C ILE A 411 -14.16 -14.00 7.74
N THR A 412 -14.61 -12.77 8.06
CA THR A 412 -16.05 -12.52 8.12
C THR A 412 -16.71 -12.72 6.76
N SER A 413 -16.05 -12.25 5.69
CA SER A 413 -16.60 -12.43 4.35
C SER A 413 -16.73 -13.91 4.00
N LEU A 414 -15.67 -14.70 4.25
CA LEU A 414 -15.73 -16.12 3.94
C LEU A 414 -16.74 -16.86 4.80
N VAL A 415 -16.84 -16.53 6.09
CA VAL A 415 -17.81 -17.23 6.93
C VAL A 415 -19.23 -16.86 6.53
N ASP A 416 -19.43 -15.62 6.07
CA ASP A 416 -20.74 -15.23 5.56
C ASP A 416 -21.04 -15.94 4.24
N LEU A 417 -20.01 -16.25 3.46
CA LEU A 417 -20.21 -16.91 2.18
C LEU A 417 -20.75 -18.33 2.31
N TYR A 418 -20.50 -19.01 3.43
CA TYR A 418 -21.01 -20.36 3.63
C TYR A 418 -21.14 -20.61 5.12
N PRO A 419 -22.12 -19.99 5.80
CA PRO A 419 -22.15 -20.04 7.26
C PRO A 419 -22.72 -21.33 7.84
N SER A 420 -23.26 -22.22 7.00
CA SER A 420 -24.12 -23.31 7.47
C SER A 420 -23.47 -24.12 8.61
N PHE A 421 -22.23 -24.55 8.40
CA PHE A 421 -21.50 -25.23 9.47
C PHE A 421 -20.35 -24.42 10.02
N LEU A 422 -20.02 -23.28 9.42
CA LEU A 422 -18.97 -22.42 9.96
C LEU A 422 -19.45 -21.73 11.24
N ARG A 423 -20.68 -21.23 11.27
CA ARG A 423 -21.18 -20.52 12.45
C ARG A 423 -21.48 -21.45 13.61
N LYS A 424 -21.52 -22.76 13.40
CA LYS A 424 -21.86 -23.73 14.44
C LYS A 424 -20.64 -24.58 14.76
N GLY A 425 -20.45 -24.87 16.05
CA GLY A 425 -19.35 -25.71 16.49
C GLY A 425 -18.07 -24.94 16.71
N TYR A 426 -16.97 -25.70 16.76
CA TYR A 426 -15.64 -25.15 17.00
C TYR A 426 -14.85 -24.94 15.72
N ARG A 427 -15.52 -24.80 14.57
CA ARG A 427 -14.81 -24.66 13.30
C ARG A 427 -14.16 -23.28 13.18
N ARG A 428 -14.59 -22.33 14.00
CA ARG A 428 -14.12 -20.95 13.89
C ARG A 428 -12.74 -20.74 14.51
N GLU A 429 -12.06 -21.81 14.89
CA GLU A 429 -10.62 -21.72 15.18
C GLU A 429 -9.79 -22.40 14.11
N ILE A 430 -10.19 -23.61 13.70
CA ILE A 430 -9.44 -24.35 12.70
C ILE A 430 -9.52 -23.65 11.34
N PHE A 431 -10.61 -22.90 11.10
CA PHE A 431 -10.72 -22.18 9.85
C PHE A 431 -9.64 -21.10 9.73
N ILE A 432 -9.45 -20.31 10.78
CA ILE A 432 -8.38 -19.31 10.76
C ILE A 432 -7.01 -19.98 10.79
N ALA A 433 -6.89 -21.10 11.50
CA ALA A 433 -5.63 -21.83 11.46
C ALA A 433 -5.26 -22.24 10.04
N PHE A 434 -6.22 -22.80 9.30
CA PHE A 434 -5.98 -23.22 7.93
C PHE A 434 -5.68 -22.03 7.03
N VAL A 435 -6.43 -20.94 7.19
CA VAL A 435 -6.21 -19.77 6.35
C VAL A 435 -4.82 -19.20 6.58
N CYS A 436 -4.40 -19.08 7.85
CA CYS A 436 -3.06 -18.58 8.14
C CYS A 436 -1.98 -19.52 7.59
N SER A 437 -2.17 -20.83 7.73
CA SER A 437 -1.18 -21.77 7.23
C SER A 437 -1.05 -21.68 5.70
N ILE A 438 -2.18 -21.60 5.00
CA ILE A 438 -2.15 -21.50 3.55
C ILE A 438 -1.49 -20.21 3.11
N SER A 439 -1.82 -19.09 3.78
CA SER A 439 -1.19 -17.82 3.44
C SER A 439 0.31 -17.85 3.69
N TYR A 440 0.74 -18.47 4.80
CA TYR A 440 2.17 -18.58 5.08
C TYR A 440 2.87 -19.41 4.01
N LEU A 441 2.26 -20.53 3.61
CA LEU A 441 2.87 -21.38 2.59
C LEU A 441 2.96 -20.63 1.26
N LEU A 442 1.91 -19.90 0.89
CA LEU A 442 1.93 -19.16 -0.36
C LEU A 442 2.97 -18.05 -0.34
N GLY A 443 3.08 -17.33 0.78
CA GLY A 443 4.06 -16.27 0.90
C GLY A 443 5.48 -16.75 1.09
N LEU A 444 5.66 -18.04 1.38
CA LEU A 444 7.00 -18.61 1.50
C LEU A 444 7.78 -18.58 0.20
N THR A 445 7.13 -18.38 -0.94
CA THR A 445 7.81 -18.30 -2.23
C THR A 445 8.48 -16.96 -2.47
N MET A 446 8.26 -15.97 -1.60
CA MET A 446 8.84 -14.64 -1.77
C MET A 446 9.97 -14.37 -0.78
N VAL A 447 10.40 -15.36 -0.03
CA VAL A 447 11.55 -15.22 0.87
C VAL A 447 12.73 -16.08 0.45
N THR A 448 12.72 -16.61 -0.77
CA THR A 448 13.84 -17.37 -1.30
C THR A 448 14.92 -16.41 -1.81
N GLU A 449 15.89 -16.96 -2.55
CA GLU A 449 16.95 -16.14 -3.12
C GLU A 449 16.37 -15.14 -4.11
N GLY A 450 15.59 -15.63 -5.08
CA GLY A 450 14.89 -14.77 -6.01
C GLY A 450 13.46 -14.51 -5.60
N GLY A 451 13.26 -13.87 -4.45
CA GLY A 451 11.92 -13.61 -3.96
C GLY A 451 11.46 -12.18 -4.17
N MET A 452 12.39 -11.30 -4.56
CA MET A 452 12.02 -9.91 -4.80
C MET A 452 11.23 -9.75 -6.10
N TYR A 453 11.58 -10.51 -7.13
CA TYR A 453 10.88 -10.39 -8.41
C TYR A 453 9.42 -10.81 -8.29
N VAL A 454 9.15 -11.91 -7.57
CA VAL A 454 7.77 -12.33 -7.36
C VAL A 454 7.01 -11.29 -6.56
N PHE A 455 7.67 -10.69 -5.56
CA PHE A 455 7.03 -9.66 -4.75
C PHE A 455 6.68 -8.44 -5.59
N GLN A 456 7.60 -8.01 -6.46
CA GLN A 456 7.33 -6.87 -7.33
C GLN A 456 6.20 -7.18 -8.31
N LEU A 457 6.17 -8.40 -8.84
CA LEU A 457 5.07 -8.81 -9.72
C LEU A 457 3.74 -8.77 -8.98
N PHE A 458 3.71 -9.26 -7.74
CA PHE A 458 2.48 -9.18 -6.94
C PHE A 458 2.07 -7.74 -6.71
N ASP A 459 3.03 -6.88 -6.37
CA ASP A 459 2.70 -5.48 -6.12
C ASP A 459 2.13 -4.82 -7.37
N TYR A 460 2.68 -5.16 -8.54
CA TYR A 460 2.23 -4.51 -9.77
C TYR A 460 0.87 -5.04 -10.22
N TYR A 461 0.64 -6.35 -10.14
CA TYR A 461 -0.50 -6.96 -10.82
C TYR A 461 -1.56 -7.54 -9.90
N ALA A 462 -1.39 -7.45 -8.57
CA ALA A 462 -2.27 -8.19 -7.65
C ALA A 462 -3.39 -7.32 -7.09
N ALA A 463 -3.05 -6.23 -6.41
CA ALA A 463 -4.01 -5.36 -5.75
C ALA A 463 -3.79 -3.92 -6.18
N SER A 464 -3.49 -3.73 -7.45
CA SER A 464 -3.23 -2.40 -8.01
C SER A 464 -3.34 -2.50 -9.52
N GLY A 465 -2.94 -1.43 -10.20
CA GLY A 465 -2.95 -1.44 -11.65
C GLY A 465 -4.37 -1.37 -12.20
N VAL A 466 -4.65 -2.26 -13.15
CA VAL A 466 -5.88 -2.14 -13.94
C VAL A 466 -7.09 -2.68 -13.17
N CYS A 467 -6.89 -3.65 -12.27
CA CYS A 467 -8.04 -4.25 -11.59
C CYS A 467 -8.76 -3.24 -10.69
N LEU A 468 -8.00 -2.40 -9.98
CA LEU A 468 -8.63 -1.39 -9.13
C LEU A 468 -9.40 -0.38 -9.96
N LEU A 469 -8.85 0.05 -11.10
CA LEU A 469 -9.58 0.94 -11.99
C LEU A 469 -10.84 0.27 -12.51
N TRP A 470 -10.75 -1.02 -12.85
CA TRP A 470 -11.92 -1.79 -13.30
C TRP A 470 -13.02 -1.75 -12.24
N VAL A 471 -12.67 -2.07 -10.99
CA VAL A 471 -13.65 -2.14 -9.92
C VAL A 471 -14.26 -0.77 -9.66
N ALA A 472 -13.42 0.27 -9.57
CA ALA A 472 -13.93 1.61 -9.28
C ALA A 472 -14.82 2.12 -10.41
N PHE A 473 -14.42 1.89 -11.66
CA PHE A 473 -15.23 2.30 -12.79
C PHE A 473 -16.58 1.61 -12.77
N PHE A 474 -16.60 0.30 -12.51
CA PHE A 474 -17.88 -0.40 -12.47
C PHE A 474 -18.77 0.10 -11.34
N GLU A 475 -18.20 0.32 -10.15
CA GLU A 475 -18.99 0.83 -9.03
C GLU A 475 -19.59 2.20 -9.35
N CYS A 476 -18.76 3.12 -9.83
CA CYS A 476 -19.25 4.45 -10.16
C CYS A 476 -20.30 4.40 -11.25
N PHE A 477 -20.07 3.57 -12.28
CA PHE A 477 -21.01 3.46 -13.38
C PHE A 477 -22.37 2.97 -12.89
N VAL A 478 -22.39 1.87 -12.15
CA VAL A 478 -23.67 1.32 -11.70
C VAL A 478 -24.38 2.32 -10.80
N ILE A 479 -23.66 2.90 -9.83
CA ILE A 479 -24.29 3.80 -8.88
C ILE A 479 -24.87 5.02 -9.58
N ALA A 480 -24.11 5.61 -10.52
CA ALA A 480 -24.53 6.84 -11.15
C ALA A 480 -25.62 6.61 -12.20
N TRP A 481 -25.63 5.45 -12.86
CA TRP A 481 -26.49 5.29 -14.03
C TRP A 481 -27.69 4.37 -13.83
N ILE A 482 -27.59 3.32 -13.02
CA ILE A 482 -28.73 2.43 -12.85
C ILE A 482 -29.55 2.82 -11.62
N TYR A 483 -28.89 3.07 -10.49
CA TYR A 483 -29.61 3.47 -9.29
C TYR A 483 -30.14 4.90 -9.41
N GLY A 484 -29.29 5.82 -9.85
CA GLY A 484 -29.70 7.21 -9.97
C GLY A 484 -29.18 8.08 -8.85
N GLY A 485 -28.57 9.22 -9.19
CA GLY A 485 -28.04 10.10 -8.17
C GLY A 485 -29.12 10.73 -7.30
N ASP A 486 -30.26 11.05 -7.89
CA ASP A 486 -31.37 11.63 -7.14
C ASP A 486 -31.87 10.66 -6.07
N ASN A 487 -31.93 9.37 -6.40
CA ASN A 487 -32.35 8.38 -5.43
C ASN A 487 -31.42 8.32 -4.23
N LEU A 488 -30.12 8.49 -4.45
CA LEU A 488 -29.18 8.49 -3.34
C LEU A 488 -29.24 9.80 -2.56
N TYR A 489 -29.46 10.92 -3.24
CA TYR A 489 -29.63 12.18 -2.49
C TYR A 489 -30.90 12.16 -1.65
N ASP A 490 -31.94 11.44 -2.06
CA ASP A 490 -33.10 11.30 -1.21
C ASP A 490 -32.73 10.66 0.13
N GLY A 491 -31.98 9.56 0.08
CA GLY A 491 -31.51 8.89 1.27
C GLY A 491 -30.57 9.74 2.10
N ILE A 492 -29.68 10.48 1.43
CA ILE A 492 -28.76 11.36 2.15
C ILE A 492 -29.54 12.45 2.88
N GLU A 493 -30.55 13.02 2.23
CA GLU A 493 -31.40 14.01 2.88
C GLU A 493 -32.12 13.40 4.08
N ASP A 494 -32.63 12.18 3.93
CA ASP A 494 -33.30 11.53 5.04
C ASP A 494 -32.36 11.30 6.22
N MET A 495 -31.12 10.90 5.94
CA MET A 495 -30.21 10.51 7.01
C MET A 495 -29.56 11.70 7.70
N ILE A 496 -28.89 12.59 6.95
CA ILE A 496 -28.11 13.66 7.55
C ILE A 496 -28.88 14.96 7.70
N GLY A 497 -30.02 15.10 7.03
CA GLY A 497 -30.86 16.27 7.18
C GLY A 497 -30.45 17.46 6.34
N TYR A 498 -29.37 17.36 5.57
CA TYR A 498 -28.89 18.46 4.77
C TYR A 498 -28.58 17.96 3.36
N ARG A 499 -28.64 18.87 2.39
CA ARG A 499 -28.37 18.52 1.01
C ARG A 499 -27.01 19.07 0.58
N PRO A 500 -26.05 18.21 0.24
CA PRO A 500 -24.75 18.70 -0.23
C PRO A 500 -24.87 19.36 -1.60
N GLY A 501 -23.76 19.92 -2.09
CA GLY A 501 -23.75 20.58 -3.37
C GLY A 501 -23.85 19.60 -4.52
N PRO A 502 -24.04 20.12 -5.74
CA PRO A 502 -24.14 19.26 -6.93
C PRO A 502 -22.77 18.82 -7.44
N TRP A 503 -21.99 18.16 -6.59
CA TRP A 503 -20.65 17.72 -6.93
C TRP A 503 -20.49 16.21 -6.94
N MET A 504 -21.18 15.49 -6.04
CA MET A 504 -21.11 14.03 -6.05
C MET A 504 -21.70 13.45 -7.33
N LYS A 505 -22.81 14.03 -7.81
CA LYS A 505 -23.41 13.57 -9.05
C LYS A 505 -22.43 13.64 -10.21
N TYR A 506 -21.78 14.80 -10.38
CA TYR A 506 -20.81 14.95 -11.45
C TYR A 506 -19.63 14.00 -11.25
N SER A 507 -19.11 13.93 -10.03
CA SER A 507 -17.94 13.09 -9.76
C SER A 507 -18.22 11.62 -10.00
N TRP A 508 -19.47 11.18 -9.84
CA TRP A 508 -19.82 9.79 -10.13
C TRP A 508 -20.25 9.57 -11.56
N ALA A 509 -20.67 10.60 -12.28
CA ALA A 509 -21.19 10.43 -13.62
C ALA A 509 -20.19 10.69 -14.73
N VAL A 510 -19.39 11.75 -14.64
CA VAL A 510 -18.63 12.20 -15.80
C VAL A 510 -17.12 12.17 -15.55
N ILE A 511 -16.69 12.39 -14.31
CA ILE A 511 -15.25 12.53 -14.07
C ILE A 511 -14.58 11.16 -13.89
N THR A 512 -15.20 10.25 -13.15
CA THR A 512 -14.54 8.98 -12.87
C THR A 512 -14.53 8.04 -14.08
N PRO A 513 -15.68 7.78 -14.73
CA PRO A 513 -15.65 6.87 -15.90
C PRO A 513 -14.74 7.36 -17.01
N VAL A 514 -14.71 8.66 -17.27
CA VAL A 514 -13.87 9.20 -18.33
C VAL A 514 -12.40 8.95 -18.00
N LEU A 515 -12.00 9.24 -16.76
CA LEU A 515 -10.61 9.03 -16.37
C LEU A 515 -10.23 7.56 -16.45
N CYS A 516 -11.11 6.67 -15.97
CA CYS A 516 -10.80 5.24 -15.99
C CYS A 516 -10.64 4.74 -17.43
N VAL A 517 -11.61 5.05 -18.29
CA VAL A 517 -11.56 4.59 -19.67
C VAL A 517 -10.36 5.18 -20.39
N GLY A 518 -10.08 6.47 -20.18
CA GLY A 518 -8.94 7.07 -20.84
C GLY A 518 -7.63 6.43 -20.43
N CYS A 519 -7.44 6.21 -19.13
CA CYS A 519 -6.22 5.56 -18.67
C CYS A 519 -6.08 4.16 -19.25
N PHE A 520 -7.17 3.38 -19.23
CA PHE A 520 -7.09 2.02 -19.75
C PHE A 520 -6.75 2.00 -21.23
N ILE A 521 -7.45 2.82 -22.02
CA ILE A 521 -7.23 2.83 -23.47
C ILE A 521 -5.83 3.32 -23.81
N PHE A 522 -5.36 4.37 -23.13
CA PHE A 522 -4.04 4.90 -23.44
C PHE A 522 -2.94 3.94 -23.00
N SER A 523 -3.16 3.20 -21.90
CA SER A 523 -2.21 2.17 -21.51
C SER A 523 -2.16 1.05 -22.54
N LEU A 524 -3.31 0.65 -23.06
CA LEU A 524 -3.32 -0.40 -24.09
C LEU A 524 -2.65 0.07 -25.38
N VAL A 525 -2.91 1.32 -25.79
CA VAL A 525 -2.37 1.83 -27.05
C VAL A 525 -0.86 1.97 -26.97
N LYS A 526 -0.37 2.61 -25.90
CA LYS A 526 1.06 2.79 -25.67
C LYS A 526 1.48 1.82 -24.59
N TYR A 527 2.08 0.70 -25.00
CA TYR A 527 2.37 -0.40 -24.09
C TYR A 527 3.86 -0.43 -23.76
N VAL A 528 4.17 -0.51 -22.49
CA VAL A 528 5.55 -0.70 -22.00
C VAL A 528 5.52 -1.82 -20.99
N PRO A 529 6.27 -2.90 -21.18
CA PRO A 529 6.20 -4.04 -20.27
C PRO A 529 6.84 -3.73 -18.91
N LEU A 530 6.38 -4.46 -17.90
CA LEU A 530 6.89 -4.28 -16.56
C LEU A 530 8.36 -4.66 -16.49
N THR A 531 9.15 -3.83 -15.83
CA THR A 531 10.58 -4.06 -15.65
C THR A 531 10.94 -3.80 -14.20
N TYR A 532 11.43 -4.81 -13.50
CA TYR A 532 11.90 -4.62 -12.14
C TYR A 532 13.03 -3.60 -12.12
N ASN A 533 12.97 -2.69 -11.14
CA ASN A 533 13.86 -1.54 -11.08
C ASN A 533 13.78 -0.80 -12.41
N LYS A 534 14.89 -0.73 -13.14
CA LYS A 534 14.88 -0.12 -14.46
C LYS A 534 15.67 -0.91 -15.51
N THR A 535 16.49 -1.88 -15.14
CA THR A 535 17.32 -2.59 -16.10
C THR A 535 16.89 -4.04 -16.33
N TYR A 536 16.18 -4.64 -15.38
CA TYR A 536 15.81 -6.05 -15.50
C TYR A 536 14.60 -6.20 -16.41
N VAL A 537 14.72 -7.04 -17.43
CA VAL A 537 13.63 -7.34 -18.34
C VAL A 537 13.05 -8.70 -17.98
N TYR A 538 11.73 -8.77 -17.86
CA TYR A 538 11.08 -10.00 -17.46
C TYR A 538 10.92 -10.95 -18.65
N PRO A 539 10.94 -12.26 -18.39
CA PRO A 539 10.62 -13.22 -19.45
C PRO A 539 9.15 -13.14 -19.83
N ASN A 540 8.84 -13.72 -21.01
CA ASN A 540 7.48 -13.69 -21.51
C ASN A 540 6.52 -14.42 -20.57
N TRP A 541 6.93 -15.57 -20.04
CA TRP A 541 6.05 -16.33 -19.17
C TRP A 541 5.80 -15.60 -17.84
N ALA A 542 6.77 -14.84 -17.36
CA ALA A 542 6.56 -14.06 -16.14
C ALA A 542 5.50 -12.99 -16.36
N ILE A 543 5.57 -12.27 -17.48
CA ILE A 543 4.55 -11.27 -17.79
C ILE A 543 3.20 -11.93 -17.98
N GLY A 544 3.18 -13.11 -18.60
CA GLY A 544 1.93 -13.85 -18.72
C GLY A 544 1.35 -14.23 -17.37
N LEU A 545 2.20 -14.65 -16.44
CA LEU A 545 1.74 -14.98 -15.09
C LEU A 545 1.19 -13.76 -14.38
N GLY A 546 1.86 -12.62 -14.50
CA GLY A 546 1.36 -11.40 -13.89
C GLY A 546 0.03 -10.96 -14.47
N TRP A 547 -0.11 -11.05 -15.80
CA TRP A 547 -1.38 -10.71 -16.43
C TRP A 547 -2.47 -11.69 -16.02
N SER A 548 -2.14 -12.96 -15.83
CA SER A 548 -3.11 -13.91 -15.31
C SER A 548 -3.51 -13.56 -13.89
N LEU A 549 -2.56 -13.11 -13.07
CA LEU A 549 -2.87 -12.68 -11.72
C LEU A 549 -3.88 -11.54 -11.72
N ALA A 550 -3.63 -10.52 -12.56
CA ALA A 550 -4.56 -9.40 -12.65
C ALA A 550 -5.91 -9.84 -13.22
N LEU A 551 -5.89 -10.66 -14.27
CA LEU A 551 -7.11 -11.12 -14.92
C LEU A 551 -7.96 -11.99 -14.02
N SER A 552 -7.35 -12.69 -13.06
CA SER A 552 -8.11 -13.50 -12.12
C SER A 552 -9.09 -12.64 -11.34
N SER A 553 -8.65 -11.47 -10.88
CA SER A 553 -9.56 -10.55 -10.21
C SER A 553 -10.47 -9.85 -11.22
N MET A 554 -9.93 -9.47 -12.37
CA MET A 554 -10.70 -8.66 -13.32
C MET A 554 -11.90 -9.43 -13.89
N LEU A 555 -11.75 -10.73 -14.15
CA LEU A 555 -12.74 -11.48 -14.90
C LEU A 555 -13.85 -12.07 -14.03
N CYS A 556 -13.84 -11.79 -12.72
CA CYS A 556 -14.93 -12.23 -11.86
C CYS A 556 -16.26 -11.61 -12.25
N VAL A 557 -16.26 -10.34 -12.64
CA VAL A 557 -17.50 -9.61 -12.99
C VAL A 557 -18.19 -10.23 -14.20
N PRO A 558 -17.50 -10.45 -15.33
CA PRO A 558 -18.20 -11.09 -16.46
C PRO A 558 -18.71 -12.49 -16.16
N LEU A 559 -18.00 -13.27 -15.35
CA LEU A 559 -18.53 -14.58 -14.96
C LEU A 559 -19.82 -14.44 -14.17
N VAL A 560 -19.85 -13.50 -13.22
CA VAL A 560 -21.08 -13.27 -12.45
C VAL A 560 -22.21 -12.88 -13.38
N ILE A 561 -21.93 -11.97 -14.33
CA ILE A 561 -22.97 -11.49 -15.23
C ILE A 561 -23.51 -12.64 -16.09
N VAL A 562 -22.61 -13.45 -16.66
CA VAL A 562 -23.06 -14.52 -17.54
C VAL A 562 -23.79 -15.61 -16.76
N ILE A 563 -23.38 -15.91 -15.54
CA ILE A 563 -24.09 -16.90 -14.74
C ILE A 563 -25.47 -16.40 -14.37
N ARG A 564 -25.58 -15.12 -13.96
CA ARG A 564 -26.89 -14.57 -13.63
C ARG A 564 -27.81 -14.55 -14.84
N LEU A 565 -27.28 -14.21 -16.02
CA LEU A 565 -28.11 -14.18 -17.21
C LEU A 565 -28.50 -15.57 -17.68
N CYS A 566 -27.61 -16.55 -17.51
CA CYS A 566 -27.90 -17.91 -17.97
C CYS A 566 -29.06 -18.53 -17.20
N GLN A 567 -29.08 -18.35 -15.88
CA GLN A 567 -30.13 -18.93 -15.05
C GLN A 567 -31.48 -18.29 -15.33
C1 NAG B . 37.29 -5.19 9.49
C2 NAG B . 38.20 -4.28 10.31
C3 NAG B . 39.55 -4.95 10.55
C4 NAG B . 39.35 -6.32 11.18
C5 NAG B . 38.40 -7.16 10.32
C6 NAG B . 38.06 -8.49 10.94
C7 NAG B . 37.75 -1.87 10.05
C8 NAG B . 38.06 -0.64 9.26
N2 NAG B . 38.39 -2.99 9.66
O3 NAG B . 40.34 -4.13 11.41
O4 NAG B . 40.60 -7.00 11.28
O5 NAG B . 37.16 -6.45 10.15
O6 NAG B . 36.83 -9.00 10.45
O7 NAG B . 36.98 -1.87 11.01
C1 NAG C . 39.91 11.92 1.60
C2 NAG C . 39.27 12.56 2.82
C3 NAG C . 40.34 13.26 3.66
C4 NAG C . 41.46 12.29 4.00
C5 NAG C . 42.02 11.66 2.72
C6 NAG C . 43.05 10.59 2.99
C7 NAG C . 37.00 13.50 3.00
C8 NAG C . 36.05 14.53 2.49
N2 NAG C . 38.22 13.51 2.44
O3 NAG C . 39.75 13.76 4.86
O4 NAG C . 42.51 12.98 4.66
O5 NAG C . 40.94 11.02 2.00
O6 NAG C . 42.86 10.00 4.27
O7 NAG C . 36.69 12.69 3.87
C1 NAG D . 34.76 -0.40 -11.72
C2 NAG D . 35.69 -1.57 -11.38
C3 NAG D . 36.26 -2.21 -12.64
C4 NAG D . 35.20 -2.22 -13.73
C5 NAG D . 34.91 -0.79 -14.16
C6 NAG D . 33.51 -0.60 -14.71
C7 NAG D . 36.61 -0.90 -9.20
C8 NAG D . 37.83 -0.47 -8.45
N2 NAG D . 36.78 -1.15 -10.50
O3 NAG D . 36.68 -3.54 -12.36
O4 NAG D . 35.65 -2.97 -14.85
O5 NAG D . 35.08 0.11 -13.06
O6 NAG D . 33.29 -1.35 -15.88
O7 NAG D . 35.52 -1.01 -8.64
NA NA E . -3.56 1.26 9.75
CL CL F . -0.55 8.39 -0.73
CAA Y01 G . -2.51 -18.15 -6.02
CBA Y01 G . -2.21 -19.48 -6.67
CAB Y01 G . -1.98 -20.55 -5.62
CAN Y01 G . -1.03 -19.38 -7.63
CAJ Y01 G . 0.26 -18.81 -7.03
CAO Y01 G . 1.42 -18.83 -8.03
CBB Y01 G . 2.71 -18.14 -7.56
CAC Y01 G . 2.47 -17.38 -6.26
CBE Y01 G . 3.88 -19.14 -7.45
CAP Y01 G . 3.41 -20.57 -7.17
CAQ Y01 G . 4.55 -21.49 -7.66
CBG Y01 G . 5.64 -20.54 -8.14
CBI Y01 G . 4.86 -19.30 -8.64
CAE Y01 G . 4.13 -19.61 -9.96
CAU Y01 G . 5.89 -18.18 -8.84
CAS Y01 G . 7.00 -18.59 -9.82
CBF Y01 G . 7.71 -19.89 -9.39
CBD Y01 G . 6.71 -21.02 -9.12
CAK Y01 G . 7.43 -22.27 -8.58
CAI Y01 G . 8.89 -22.35 -8.94
CAZ Y01 G . 9.50 -21.53 -9.78
CAV Y01 G . 10.98 -21.67 -10.04
CBH Y01 G . 8.81 -20.33 -10.40
CAD Y01 G . 8.20 -20.73 -11.76
CAT Y01 G . 9.84 -19.22 -10.56
CAR Y01 G . 11.00 -19.60 -11.49
CBC Y01 G . 11.44 -21.05 -11.35
OAW Y01 G . 10.91 -21.85 -12.47
CAY Y01 G . 11.77 -22.31 -13.38
OAG Y01 G . 11.75 -21.99 -14.54
CAM Y01 G . 12.76 -23.25 -12.76
CAL Y01 G . 13.58 -24.00 -13.79
CAX Y01 G . 14.60 -24.93 -13.18
OAH Y01 G . 15.33 -25.64 -13.84
OAF Y01 G . 14.61 -24.90 -11.87
CAA Y01 H . -6.50 -17.58 -6.27
CBA Y01 H . -6.74 -16.96 -4.89
CAB Y01 H . -5.43 -16.88 -4.12
CAN Y01 H . -7.80 -17.71 -4.11
CAJ Y01 H . -9.14 -17.89 -4.82
CAO Y01 H . -10.26 -18.38 -3.91
CBB Y01 H . -10.87 -17.30 -2.99
CAC Y01 H . -10.74 -15.91 -3.60
CBE Y01 H . -12.29 -17.63 -2.50
CAP Y01 H . -13.01 -16.40 -1.93
CAQ Y01 H . -14.52 -16.59 -2.19
CBG Y01 H . -14.62 -18.05 -2.61
CBI Y01 H . -13.34 -18.29 -3.44
CAE Y01 H . -13.45 -17.57 -4.80
CAU Y01 H . -13.24 -19.81 -3.65
CAS Y01 H . -14.50 -20.39 -4.30
CBF Y01 H . -15.79 -20.06 -3.55
CBD Y01 H . -15.91 -18.55 -3.28
CAK Y01 H . -17.11 -18.28 -2.37
CAI Y01 H . -18.32 -19.04 -2.79
CAZ Y01 H . -18.32 -20.10 -3.60
CAV Y01 H . -19.62 -20.79 -3.96
CBH Y01 H . -17.06 -20.67 -4.23
CAD Y01 H . -17.09 -20.37 -5.74
CAT Y01 H . -17.04 -22.18 -4.03
CAR Y01 H . -18.19 -22.68 -3.16
CBC Y01 H . -19.52 -22.29 -3.78
OAW Y01 H . -19.61 -22.91 -5.10
CAY Y01 H . -20.77 -23.51 -5.42
OAG Y01 H . -21.07 -24.62 -5.06
CAM Y01 H . -21.63 -22.61 -6.28
CAL Y01 H . -23.02 -22.42 -5.71
CAX Y01 H . -23.02 -21.86 -4.31
OAH Y01 H . -23.03 -20.56 -4.27
OAF Y01 H . -23.01 -22.56 -3.32
CAA Y01 I . -6.76 -16.14 -14.41
CBA Y01 I . -7.31 -17.54 -14.56
CAB Y01 I . -8.66 -17.53 -15.26
CAN Y01 I . -7.38 -18.27 -13.22
CAJ Y01 I . -8.35 -17.68 -12.19
CAO Y01 I . -8.46 -18.52 -10.93
CBB Y01 I . -9.48 -18.01 -9.90
CAC Y01 I . -9.11 -16.61 -9.44
CBE Y01 I . -10.91 -18.12 -10.45
CAP Y01 I . -11.19 -19.52 -11.05
CAQ Y01 I . -12.68 -19.83 -10.80
CBG Y01 I . -13.25 -18.49 -10.33
CBI Y01 I . -12.12 -17.87 -9.50
CAE Y01 I . -11.93 -18.59 -8.17
CAU Y01 I . -12.52 -16.40 -9.27
CAS Y01 I . -13.88 -16.28 -8.59
CBF Y01 I . -15.01 -17.02 -9.32
CBD Y01 I . -14.62 -18.48 -9.64
CAK Y01 I . -15.68 -19.11 -10.52
CAI Y01 I . -17.06 -18.86 -9.99
CAZ Y01 I . -17.38 -17.91 -9.13
CAV Y01 I . -18.81 -17.75 -8.65
CBH Y01 I . -16.37 -16.91 -8.57
CAD Y01 I . -16.22 -17.18 -7.06
CAT Y01 I . -16.93 -15.49 -8.78
CAR Y01 I . -18.33 -15.34 -8.17
CBC Y01 I . -19.29 -16.33 -8.81
OAW Y01 I . -20.57 -16.21 -8.12
CAY Y01 I . -21.64 -16.81 -8.68
OAG Y01 I . -21.67 -17.22 -9.81
CAM Y01 I . -22.79 -16.88 -7.71
CAL Y01 I . -22.36 -16.77 -6.26
CAX Y01 I . -21.53 -17.93 -5.80
OAH Y01 I . -21.97 -19.03 -5.61
OAF Y01 I . -20.27 -17.62 -5.62
C1 TAU J . -4.29 -0.98 3.05
C2 TAU J . -4.11 0.51 2.87
N1 TAU J . -4.96 -1.55 1.88
S TAU J . -2.90 1.13 4.08
O1 TAU J . -2.56 2.58 3.82
O2 TAU J . -1.55 0.49 3.89
O3 TAU J . -3.42 0.92 5.49
#